data_8XWC
#
_entry.id   8XWC
#
_cell.length_a   61.808
_cell.length_b   69.544
_cell.length_c   87.955
_cell.angle_alpha   90.000
_cell.angle_beta   90.000
_cell.angle_gamma   90.000
#
_symmetry.space_group_name_H-M   'P 21 21 21'
#
loop_
_entity.id
_entity.type
_entity.pdbx_description
1 polymer "DNA (5'-D(*AP*GP*CP*GP*TP*CP*CP*AP*(8OG)P*GP*TP*CP*TP*AP*CP*C)-3')"
2 polymer "DNA (5'-D(P*GP*GP*TP*AP*GP*AP*CP*CP*TP*GP*GP*AP*CP*GP*C)-3')"
3 polymer 'N-glycosylase/DNA lyase'
4 non-polymer DI(HYDROXYETHYL)ETHER
5 non-polymer GLYCEROL
6 non-polymer 'MAGNESIUM ION'
7 non-polymer 'SODIUM ION'
8 water water
#
loop_
_entity_poly.entity_id
_entity_poly.type
_entity_poly.pdbx_seq_one_letter_code
_entity_poly.pdbx_strand_id
1 'polydeoxyribonucleotide' (DA)(DG)(DC)(DG)(DT)(DC)(DC)(DA)(8OG)(DG)(DT)(DC)(DT)(DA)(DC)(DC) C
2 'polydeoxyribonucleotide' (DG)(DG)(DT)(DA)(DG)(DA)(DC)(DC)(DT)(DG)(DG)(DA)(DC)(DG)(DC) D
3 'polypeptide(L)'
;GPGHRTLASTPALWASIPCPRSELRLDLVLPSGQSFRWREQSPAHWSGVLADQVWTLTQTEEQLHCTVYRGDKSQASRPT
PDELEAVRKYFQLDVTLAQLYHHWGSVDSHFQEVAQKFQGVRLLRQDPIECLFSFICSSNNNIARITGMVERLCQAFGPR
LIQLDDVTYHGFPSLQALAGPEVEAHLRKLGLGYRARYVSASARAILEEQGGLAWLQQLRESSYEEAHKALCILPGVGTH
VADCICLMALDKPQAVPVDVHMWHIAQRDYSWHPTTSQAKGPSPQTNKELGNFFRSLWGPYAGWAQAVLFSADLRQSRHA
QEPPAKRRKGSKGPEG
;
A
#
# COMPACT_ATOMS: atom_id res chain seq x y z
N GLY C 1 -23.93 -14.64 -1.01
CA GLY C 1 -24.35 -13.27 -0.71
C GLY C 1 -24.77 -12.52 -1.97
N PRO C 2 -25.27 -11.30 -1.81
CA PRO C 2 -25.66 -10.49 -3.00
C PRO C 2 -24.47 -10.30 -3.93
N GLY C 3 -24.75 -9.83 -5.14
CA GLY C 3 -23.72 -9.79 -6.15
C GLY C 3 -22.78 -8.61 -5.98
N HIS C 4 -21.53 -8.84 -6.38
CA HIS C 4 -20.63 -7.71 -6.60
C HIS C 4 -21.20 -6.82 -7.71
N ARG C 5 -21.23 -5.52 -7.46
CA ARG C 5 -21.93 -4.61 -8.36
C ARG C 5 -21.07 -4.14 -9.50
N THR C 6 -21.69 -3.84 -10.63
CA THR C 6 -21.03 -3.12 -11.72
C THR C 6 -21.76 -1.81 -11.95
N LEU C 7 -21.06 -0.81 -12.40
CA LEU C 7 -21.62 0.53 -12.54
C LEU C 7 -22.74 0.54 -13.58
N ALA C 8 -22.52 -0.11 -14.71
CA ALA C 8 -23.52 -0.05 -15.76
C ALA C 8 -24.77 -0.80 -15.38
N SER C 9 -24.67 -1.78 -14.50
CA SER C 9 -25.85 -2.59 -14.15
C SER C 9 -26.64 -2.02 -13.01
N THR C 10 -26.01 -1.30 -12.07
CA THR C 10 -26.68 -0.81 -10.87
C THR C 10 -26.44 0.68 -10.67
N PRO C 11 -26.66 1.53 -11.71
CA PRO C 11 -26.24 2.92 -11.60
C PRO C 11 -26.80 3.68 -10.42
N ALA C 12 -27.96 3.30 -9.90
CA ALA C 12 -28.58 4.01 -8.80
C ALA C 12 -27.76 3.89 -7.53
N LEU C 13 -26.85 2.90 -7.49
CA LEU C 13 -26.08 2.62 -6.28
C LEU C 13 -24.67 3.24 -6.29
N TRP C 14 -24.34 4.02 -7.32
CA TRP C 14 -22.99 4.54 -7.42
C TRP C 14 -23.00 6.06 -7.35
N ALA C 15 -21.86 6.59 -6.92
CA ALA C 15 -21.64 8.03 -6.99
C ALA C 15 -20.18 8.26 -7.40
N SER C 16 -19.91 9.43 -7.99
CA SER C 16 -18.60 9.74 -8.57
C SER C 16 -17.81 10.76 -7.78
N ILE C 17 -16.50 10.67 -7.99
CA ILE C 17 -15.52 11.65 -7.54
C ILE C 17 -14.80 12.14 -8.78
N PRO C 18 -14.61 13.46 -8.96
CA PRO C 18 -13.82 13.95 -10.11
C PRO C 18 -12.39 13.44 -10.03
N CYS C 19 -11.96 12.75 -11.05
CA CYS C 19 -10.66 12.05 -11.01
C CYS C 19 -10.36 11.57 -12.42
N PRO C 20 -9.54 12.27 -13.18
CA PRO C 20 -9.16 11.79 -14.52
C PRO C 20 -8.21 10.61 -14.43
N ARG C 21 -8.17 9.81 -15.50
CA ARG C 21 -7.25 8.67 -15.57
C ARG C 21 -5.79 9.11 -15.48
N SER C 22 -5.50 10.37 -15.81
CA SER C 22 -4.15 10.89 -15.62
C SER C 22 -3.78 11.04 -14.14
N GLU C 23 -4.77 11.14 -13.27
CA GLU C 23 -4.54 11.19 -11.87
C GLU C 23 -4.61 9.84 -11.16
N LEU C 24 -5.25 8.84 -11.75
CA LEU C 24 -5.37 7.52 -11.12
C LEU C 24 -5.70 6.48 -12.16
N ARG C 25 -4.97 5.34 -12.15
CA ARG C 25 -5.32 4.13 -12.87
C ARG C 25 -5.47 3.00 -11.84
N LEU C 26 -6.70 2.61 -11.56
CA LEU C 26 -6.92 1.60 -10.51
C LEU C 26 -6.15 0.34 -10.81
N ASP C 27 -6.11 -0.05 -12.10
CA ASP C 27 -5.43 -1.29 -12.51
C ASP C 27 -3.91 -1.24 -12.35
N LEU C 28 -3.33 -0.05 -12.27
CA LEU C 28 -1.89 0.07 -12.07
C LEU C 28 -1.54 0.33 -10.61
N VAL C 29 -2.52 0.58 -9.74
CA VAL C 29 -2.30 0.89 -8.33
C VAL C 29 -2.70 -0.30 -7.44
N LEU C 30 -3.96 -0.75 -7.57
CA LEU C 30 -4.50 -1.64 -6.55
C LEU C 30 -3.92 -3.04 -6.52
N PRO C 31 -3.40 -3.61 -7.62
CA PRO C 31 -2.74 -4.93 -7.50
C PRO C 31 -1.23 -4.86 -7.46
N SER C 32 -0.67 -3.67 -7.24
CA SER C 32 0.76 -3.47 -7.46
C SER C 32 1.59 -3.52 -6.18
N GLY C 33 1.06 -4.05 -5.08
CA GLY C 33 1.89 -4.26 -3.89
C GLY C 33 1.87 -3.09 -2.94
N GLN C 34 0.90 -2.20 -3.01
CA GLN C 34 0.71 -1.19 -1.97
C GLN C 34 -0.24 -1.72 -0.92
N SER C 35 -1.53 -1.94 -1.31
CA SER C 35 -2.49 -2.69 -0.51
C SER C 35 -2.59 -4.08 -1.13
N PHE C 36 -2.73 -5.09 -0.30
CA PHE C 36 -2.89 -6.46 -0.77
C PHE C 36 -4.32 -6.93 -0.74
N ARG C 37 -5.28 -6.03 -0.54
CA ARG C 37 -6.64 -6.43 -0.20
CA ARG C 37 -6.62 -6.50 -0.25
C ARG C 37 -7.69 -6.07 -1.25
N TRP C 38 -7.31 -5.75 -2.48
CA TRP C 38 -8.29 -5.41 -3.53
C TRP C 38 -8.28 -6.50 -4.58
N ARG C 39 -9.48 -6.79 -5.12
CA ARG C 39 -9.58 -7.81 -6.16
C ARG C 39 -10.53 -7.33 -7.27
N GLU C 40 -10.17 -7.68 -8.51
CA GLU C 40 -10.98 -7.33 -9.70
C GLU C 40 -12.06 -8.41 -9.91
N GLN C 41 -13.10 -8.33 -9.10
CA GLN C 41 -14.12 -9.37 -9.09
C GLN C 41 -15.06 -9.30 -10.29
N SER C 42 -15.14 -8.18 -10.99
CA SER C 42 -15.74 -8.09 -12.32
C SER C 42 -14.77 -7.29 -13.17
N PRO C 43 -14.74 -7.45 -14.48
CA PRO C 43 -13.77 -6.71 -15.27
C PRO C 43 -13.89 -5.22 -15.03
N ALA C 44 -12.75 -4.61 -14.74
CA ALA C 44 -12.63 -3.16 -14.49
C ALA C 44 -13.21 -2.68 -13.18
N HIS C 45 -13.60 -3.59 -12.29
CA HIS C 45 -14.23 -3.22 -11.02
C HIS C 45 -13.47 -3.85 -9.88
N TRP C 46 -13.03 -3.02 -8.91
CA TRP C 46 -12.13 -3.51 -7.87
C TRP C 46 -12.85 -3.42 -6.56
N SER C 47 -12.88 -4.54 -5.83
CA SER C 47 -13.58 -4.57 -4.53
C SER C 47 -12.58 -4.82 -3.40
N GLY C 48 -12.89 -4.23 -2.24
CA GLY C 48 -12.02 -4.38 -1.08
C GLY C 48 -12.58 -3.58 0.09
N VAL C 49 -11.93 -3.71 1.25
CA VAL C 49 -12.39 -3.06 2.48
C VAL C 49 -11.71 -1.70 2.61
N LEU C 50 -12.48 -0.62 2.81
CA LEU C 50 -11.94 0.75 2.81
C LEU C 50 -12.73 1.52 3.86
N ALA C 51 -12.04 2.06 4.89
CA ALA C 51 -12.76 2.68 6.02
C ALA C 51 -13.85 1.76 6.60
N ASP C 52 -13.51 0.48 6.87
CA ASP C 52 -14.31 -0.55 7.59
C ASP C 52 -15.55 -1.09 6.86
N GLN C 53 -15.72 -0.79 5.59
CA GLN C 53 -16.84 -1.32 4.83
C GLN C 53 -16.27 -1.79 3.52
N VAL C 54 -17.01 -2.65 2.83
CA VAL C 54 -16.60 -3.06 1.50
C VAL C 54 -17.06 -2.05 0.47
N TRP C 55 -16.18 -1.77 -0.48
CA TRP C 55 -16.46 -0.88 -1.59
C TRP C 55 -16.13 -1.58 -2.89
N THR C 56 -16.83 -1.17 -3.95
CA THR C 56 -16.35 -1.45 -5.31
C THR C 56 -16.07 -0.14 -6.02
N LEU C 57 -14.97 -0.14 -6.79
CA LEU C 57 -14.51 1.05 -7.48
C LEU C 57 -14.33 0.76 -8.96
N THR C 58 -14.69 1.70 -9.83
CA THR C 58 -14.43 1.59 -11.25
C THR C 58 -14.25 2.99 -11.78
N GLN C 59 -13.72 3.12 -12.98
CA GLN C 59 -13.51 4.46 -13.47
C GLN C 59 -13.93 4.63 -14.92
N THR C 60 -14.33 5.86 -15.19
CA THR C 60 -14.47 6.33 -16.56
C THR C 60 -13.33 7.30 -16.81
N GLU C 61 -13.29 7.93 -17.98
CA GLU C 61 -12.12 8.74 -18.30
C GLU C 61 -11.92 9.87 -17.30
N GLU C 62 -13.00 10.44 -16.74
CA GLU C 62 -12.89 11.63 -15.94
C GLU C 62 -13.38 11.47 -14.52
N GLN C 63 -13.88 10.29 -14.16
CA GLN C 63 -14.45 10.09 -12.83
C GLN C 63 -14.10 8.72 -12.25
N LEU C 64 -13.94 8.73 -10.92
CA LEU C 64 -13.81 7.53 -10.10
C LEU C 64 -15.21 7.27 -9.54
N HIS C 65 -15.81 6.12 -9.89
CA HIS C 65 -17.15 5.75 -9.45
C HIS C 65 -17.06 4.74 -8.35
N CYS C 66 -17.90 4.92 -7.34
CA CYS C 66 -17.78 4.21 -6.08
C CYS C 66 -19.14 3.69 -5.65
N THR C 67 -19.12 2.53 -5.00
CA THR C 67 -20.34 1.95 -4.42
C THR C 67 -19.91 1.28 -3.11
N VAL C 68 -20.79 1.36 -2.09
CA VAL C 68 -20.43 0.86 -0.77
C VAL C 68 -21.49 -0.15 -0.33
N TYR C 69 -21.05 -1.20 0.34
CA TYR C 69 -21.96 -2.23 0.86
C TYR C 69 -21.88 -2.11 2.37
N ARG C 70 -22.95 -1.58 2.97
CA ARG C 70 -22.84 -1.20 4.37
C ARG C 70 -22.95 -2.40 5.30
N GLY C 71 -23.62 -3.46 4.87
CA GLY C 71 -23.63 -4.68 5.66
C GLY C 71 -24.17 -4.50 7.06
N ASP C 72 -25.06 -3.54 7.24
CA ASP C 72 -25.78 -3.35 8.49
C ASP C 72 -27.27 -3.59 8.28
N LYS C 73 -27.61 -4.34 7.23
CA LYS C 73 -28.99 -4.66 6.88
C LYS C 73 -29.83 -3.39 6.71
N SER C 74 -29.23 -2.36 6.09
CA SER C 74 -29.93 -1.16 5.66
C SER C 74 -30.21 -1.28 4.17
N GLN C 75 -31.10 -0.42 3.68
CA GLN C 75 -31.46 -0.49 2.26
C GLN C 75 -30.29 0.03 1.43
N ALA C 76 -30.08 -0.58 0.26
CA ALA C 76 -28.96 -0.15 -0.56
C ALA C 76 -29.19 1.27 -1.05
N SER C 77 -28.11 2.06 -1.11
CA SER C 77 -28.17 3.42 -1.65
C SER C 77 -26.77 3.82 -2.08
N ARG C 78 -26.71 4.87 -2.88
CA ARG C 78 -25.40 5.35 -3.33
C ARG C 78 -24.61 5.91 -2.15
N PRO C 79 -23.29 5.96 -2.26
CA PRO C 79 -22.51 6.56 -1.18
C PRO C 79 -22.87 8.02 -1.00
N THR C 80 -22.84 8.43 0.27
CA THR C 80 -23.10 9.83 0.60
C THR C 80 -21.84 10.66 0.39
N PRO C 81 -21.96 11.99 0.36
CA PRO C 81 -20.72 12.80 0.26
C PRO C 81 -19.74 12.51 1.37
N ASP C 82 -20.20 12.29 2.60
CA ASP C 82 -19.29 12.06 3.70
C ASP C 82 -18.56 10.73 3.51
N GLU C 83 -19.25 9.71 2.98
CA GLU C 83 -18.58 8.43 2.73
C GLU C 83 -17.56 8.56 1.60
N LEU C 84 -17.91 9.29 0.54
CA LEU C 84 -16.98 9.50 -0.58
C LEU C 84 -15.70 10.20 -0.11
N GLU C 85 -15.80 11.08 0.88
CA GLU C 85 -14.61 11.76 1.36
C GLU C 85 -13.57 10.76 1.85
N ALA C 86 -14.00 9.63 2.42
CA ALA C 86 -13.04 8.61 2.82
C ALA C 86 -12.28 8.04 1.61
N VAL C 87 -12.99 7.86 0.50
CA VAL C 87 -12.32 7.38 -0.71
C VAL C 87 -11.35 8.41 -1.26
N ARG C 88 -11.75 9.69 -1.27
CA ARG C 88 -10.88 10.73 -1.77
C ARG C 88 -9.60 10.81 -0.93
N LYS C 89 -9.75 10.64 0.38
CA LYS C 89 -8.58 10.68 1.26
C LYS C 89 -7.69 9.44 1.04
N TYR C 90 -8.29 8.26 0.89
CA TYR C 90 -7.51 7.05 0.64
C TYR C 90 -6.63 7.20 -0.60
N PHE C 91 -7.12 7.87 -1.65
CA PHE C 91 -6.31 8.05 -2.85
C PHE C 91 -5.56 9.37 -2.84
N GLN C 92 -5.65 10.13 -1.74
CA GLN C 92 -4.85 11.37 -1.59
C GLN C 92 -5.03 12.29 -2.79
N LEU C 93 -6.32 12.48 -3.21
CA LEU C 93 -6.54 13.21 -4.46
C LEU C 93 -6.23 14.69 -4.37
N ASP C 94 -5.96 15.24 -3.18
CA ASP C 94 -5.48 16.61 -3.11
C ASP C 94 -4.13 16.78 -3.76
N VAL C 95 -3.36 15.72 -3.93
CA VAL C 95 -2.05 15.79 -4.58
C VAL C 95 -2.24 15.60 -6.07
N THR C 96 -1.80 16.56 -6.87
CA THR C 96 -1.95 16.51 -8.33
C THR C 96 -0.78 15.71 -8.90
N LEU C 97 -1.09 14.53 -9.36
CA LEU C 97 -0.07 13.61 -9.79
C LEU C 97 0.55 14.08 -11.07
N ALA C 98 -0.24 14.69 -11.97
CA ALA C 98 0.29 15.05 -13.27
C ALA C 98 1.43 16.06 -13.15
N GLN C 99 1.35 16.94 -12.17
CA GLN C 99 2.43 17.87 -11.94
C GLN C 99 3.73 17.16 -11.41
N LEU C 100 3.58 16.22 -10.49
CA LEU C 100 4.74 15.43 -10.07
C LEU C 100 5.36 14.67 -11.23
N TYR C 101 4.53 14.05 -12.09
CA TYR C 101 5.09 13.34 -13.23
C TYR C 101 5.89 14.29 -14.11
N HIS C 102 5.41 15.55 -14.28
CA HIS C 102 6.16 16.53 -15.07
CA HIS C 102 6.19 16.46 -15.09
C HIS C 102 7.52 16.82 -14.42
N HIS C 103 7.51 17.06 -13.09
CA HIS C 103 8.75 17.31 -12.39
C HIS C 103 9.70 16.12 -12.49
N TRP C 104 9.23 14.91 -12.17
CA TRP C 104 10.14 13.76 -12.19
C TRP C 104 10.70 13.54 -13.59
N GLY C 105 9.86 13.65 -14.61
CA GLY C 105 10.35 13.48 -15.96
C GLY C 105 11.37 14.52 -16.40
N SER C 106 11.24 15.76 -15.88
CA SER C 106 12.17 16.83 -16.22
C SER C 106 13.56 16.58 -15.66
N VAL C 107 13.68 15.83 -14.56
CA VAL C 107 14.99 15.56 -13.99
C VAL C 107 15.49 14.18 -14.32
N ASP C 108 14.68 13.36 -15.00
CA ASP C 108 15.00 11.95 -15.17
C ASP C 108 14.33 11.45 -16.45
N SER C 109 15.10 11.36 -17.54
N SER C 109 15.13 11.35 -17.53
CA SER C 109 14.51 10.94 -18.81
CA SER C 109 14.58 10.92 -18.82
C SER C 109 14.13 9.46 -18.84
C SER C 109 14.09 9.48 -18.79
N HIS C 110 14.73 8.63 -17.98
CA HIS C 110 14.25 7.26 -17.87
C HIS C 110 12.86 7.25 -17.27
N PHE C 111 12.66 7.99 -16.18
CA PHE C 111 11.32 8.09 -15.61
C PHE C 111 10.34 8.59 -16.65
N GLN C 112 10.74 9.61 -17.41
CA GLN C 112 9.81 10.14 -18.41
C GLN C 112 9.37 9.07 -19.39
N GLU C 113 10.26 8.21 -19.82
CA GLU C 113 9.89 7.14 -20.75
C GLU C 113 8.91 6.17 -20.13
N VAL C 114 9.21 5.71 -18.91
CA VAL C 114 8.34 4.73 -18.27
C VAL C 114 6.98 5.35 -17.98
N ALA C 115 6.99 6.58 -17.53
CA ALA C 115 5.76 7.26 -17.12
C ALA C 115 4.79 7.39 -18.26
N GLN C 116 5.28 7.50 -19.52
CA GLN C 116 4.39 7.64 -20.65
C GLN C 116 3.42 6.48 -20.72
N LYS C 117 3.88 5.28 -20.39
CA LYS C 117 3.09 4.06 -20.45
C LYS C 117 2.43 3.70 -19.13
N PHE C 118 2.78 4.35 -18.03
CA PHE C 118 2.26 4.02 -16.70
C PHE C 118 1.75 5.29 -16.05
N GLN C 119 0.68 5.85 -16.61
CA GLN C 119 0.01 7.03 -16.08
CA GLN C 119 0.10 7.04 -16.01
CA GLN C 119 0.06 7.04 -16.04
C GLN C 119 -0.79 6.65 -14.83
N GLY C 120 -0.97 7.60 -13.94
CA GLY C 120 -1.98 7.42 -12.89
C GLY C 120 -1.55 6.51 -11.76
N VAL C 121 -0.24 6.34 -11.55
CA VAL C 121 0.22 5.55 -10.40
C VAL C 121 0.46 6.50 -9.24
N ARG C 122 -0.46 6.47 -8.30
CA ARG C 122 -0.27 7.29 -7.11
C ARG C 122 -0.21 6.39 -5.89
N LEU C 123 -0.06 7.04 -4.76
CA LEU C 123 0.13 6.37 -3.50
CA LEU C 123 0.14 6.38 -3.47
C LEU C 123 -1.15 6.40 -2.68
N LEU C 124 -1.58 5.22 -2.24
CA LEU C 124 -2.68 5.15 -1.29
C LEU C 124 -2.23 5.64 0.10
N ARG C 125 -3.17 6.20 0.87
CA ARG C 125 -2.94 6.53 2.27
C ARG C 125 -3.61 5.44 3.10
N GLN C 126 -2.81 4.55 3.64
CA GLN C 126 -3.33 3.34 4.29
C GLN C 126 -3.36 3.43 5.81
N ASP C 127 -4.23 2.61 6.37
CA ASP C 127 -4.27 2.48 7.82
C ASP C 127 -2.91 1.98 8.33
N PRO C 128 -2.37 2.59 9.39
CA PRO C 128 -1.05 2.16 9.86
C PRO C 128 -0.96 0.73 10.31
N ILE C 129 -2.00 0.20 10.96
CA ILE C 129 -1.90 -1.16 11.46
C ILE C 129 -1.94 -2.15 10.29
N GLU C 130 -2.90 -1.97 9.35
CA GLU C 130 -2.93 -2.82 8.17
C GLU C 130 -1.60 -2.75 7.42
N CYS C 131 -1.09 -1.54 7.23
CA CYS C 131 0.15 -1.38 6.46
C CYS C 131 1.32 -2.05 7.17
N LEU C 132 1.46 -1.82 8.47
CA LEU C 132 2.53 -2.42 9.24
C LEU C 132 2.54 -3.94 9.06
N PHE C 133 1.39 -4.60 9.33
CA PHE C 133 1.44 -6.06 9.31
C PHE C 133 1.48 -6.65 7.90
N SER C 134 0.89 -5.94 6.94
CA SER C 134 1.02 -6.38 5.55
C SER C 134 2.48 -6.34 5.12
N PHE C 135 3.20 -5.25 5.43
CA PHE C 135 4.59 -5.20 5.02
C PHE C 135 5.49 -6.08 5.84
N ILE C 136 5.17 -6.37 7.12
CA ILE C 136 5.94 -7.43 7.79
C ILE C 136 5.84 -8.72 6.97
N CYS C 137 4.66 -9.00 6.42
CA CYS C 137 4.49 -10.23 5.62
C CYS C 137 5.25 -10.20 4.30
N SER C 138 5.67 -9.02 3.83
CA SER C 138 6.17 -8.85 2.47
C SER C 138 7.63 -9.19 2.31
N SER C 139 8.41 -9.31 3.37
CA SER C 139 9.86 -9.41 3.21
C SER C 139 10.31 -10.74 2.60
N ASN C 140 11.27 -10.69 1.68
CA ASN C 140 11.83 -11.92 1.09
C ASN C 140 10.72 -12.85 0.58
N ASN C 141 9.85 -12.31 -0.26
CA ASN C 141 8.58 -12.93 -0.60
C ASN C 141 8.05 -12.27 -1.86
N ASN C 142 7.02 -12.85 -2.43
CA ASN C 142 6.45 -12.35 -3.67
C ASN C 142 5.01 -11.94 -3.45
N ILE C 143 4.56 -11.00 -4.27
CA ILE C 143 3.25 -10.38 -4.09
C ILE C 143 2.10 -11.39 -4.09
N ALA C 144 2.13 -12.39 -4.98
CA ALA C 144 1.00 -13.32 -4.95
C ALA C 144 0.95 -14.09 -3.62
N ARG C 145 2.11 -14.50 -3.11
CA ARG C 145 2.11 -15.21 -1.82
C ARG C 145 1.72 -14.26 -0.68
N ILE C 146 2.28 -13.02 -0.68
CA ILE C 146 1.92 -12.05 0.36
C ILE C 146 0.42 -11.86 0.40
N THR C 147 -0.19 -11.68 -0.78
CA THR C 147 -1.62 -11.47 -0.87
C THR C 147 -2.42 -12.58 -0.16
N GLY C 148 -2.02 -13.84 -0.41
CA GLY C 148 -2.67 -14.96 0.26
C GLY C 148 -2.47 -14.93 1.75
N MET C 149 -1.22 -14.67 2.19
CA MET C 149 -0.95 -14.57 3.61
C MET C 149 -1.86 -13.55 4.30
N VAL C 150 -1.95 -12.35 3.74
CA VAL C 150 -2.76 -11.30 4.33
C VAL C 150 -4.23 -11.71 4.36
N GLU C 151 -4.71 -12.36 3.26
CA GLU C 151 -6.11 -12.80 3.22
CA GLU C 151 -6.10 -12.77 3.25
C GLU C 151 -6.40 -13.79 4.35
N ARG C 152 -5.51 -14.77 4.52
CA ARG C 152 -5.73 -15.80 5.53
C ARG C 152 -5.62 -15.22 6.95
N LEU C 153 -4.69 -14.27 7.16
CA LEU C 153 -4.57 -13.57 8.45
C LEU C 153 -5.89 -12.84 8.77
N CYS C 154 -6.47 -12.17 7.80
CA CYS C 154 -7.69 -11.41 8.07
C CYS C 154 -8.87 -12.35 8.31
N GLN C 155 -8.94 -13.43 7.54
CA GLN C 155 -10.04 -14.37 7.72
CA GLN C 155 -10.02 -14.40 7.70
C GLN C 155 -10.00 -15.00 9.10
N ALA C 156 -8.79 -15.28 9.61
CA ALA C 156 -8.67 -15.99 10.87
C ALA C 156 -8.87 -15.06 12.06
N PHE C 157 -8.38 -13.82 11.97
CA PHE C 157 -8.33 -12.96 13.13
C PHE C 157 -9.10 -11.65 13.02
N GLY C 158 -9.60 -11.30 11.84
CA GLY C 158 -10.33 -10.06 11.68
C GLY C 158 -11.83 -10.28 11.69
N PRO C 159 -12.59 -9.25 11.99
CA PRO C 159 -14.06 -9.43 12.09
C PRO C 159 -14.68 -9.69 10.73
N ARG C 160 -15.68 -10.56 10.69
CA ARG C 160 -16.41 -10.81 9.45
C ARG C 160 -17.29 -9.62 9.14
N LEU C 161 -17.24 -9.14 7.89
CA LEU C 161 -18.04 -7.97 7.53
C LEU C 161 -19.31 -8.34 6.79
N ILE C 162 -19.18 -8.87 5.59
CA ILE C 162 -20.28 -9.25 4.70
C ILE C 162 -19.79 -10.33 3.75
N GLN C 163 -20.70 -11.01 3.08
CA GLN C 163 -20.34 -11.90 1.99
C GLN C 163 -20.99 -11.36 0.72
N LEU C 164 -20.21 -11.28 -0.35
CA LEU C 164 -20.69 -10.93 -1.70
C LEU C 164 -20.37 -12.09 -2.59
N ASP C 165 -21.40 -12.61 -3.31
CA ASP C 165 -21.18 -13.84 -4.08
C ASP C 165 -20.60 -14.88 -3.11
N ASP C 166 -19.50 -15.51 -3.43
CA ASP C 166 -18.92 -16.48 -2.50
C ASP C 166 -17.69 -15.94 -1.81
N VAL C 167 -17.55 -14.62 -1.72
CA VAL C 167 -16.39 -13.97 -1.10
C VAL C 167 -16.84 -13.40 0.22
N THR C 168 -16.22 -13.84 1.31
CA THR C 168 -16.51 -13.28 2.62
C THR C 168 -15.41 -12.28 2.95
N TYR C 169 -15.81 -11.05 3.24
CA TYR C 169 -14.87 -9.95 3.53
C TYR C 169 -14.68 -9.84 5.03
N HIS C 170 -13.41 -9.72 5.44
CA HIS C 170 -13.08 -9.48 6.84
C HIS C 170 -12.34 -8.17 7.00
N GLY C 171 -12.51 -7.54 8.15
CA GLY C 171 -11.71 -6.38 8.48
C GLY C 171 -10.31 -6.79 8.90
N PHE C 172 -9.38 -5.82 8.91
CA PHE C 172 -8.04 -6.18 9.34
C PHE C 172 -8.02 -6.43 10.86
N PRO C 173 -7.23 -7.39 11.35
CA PRO C 173 -7.25 -7.67 12.79
C PRO C 173 -6.72 -6.51 13.62
N SER C 174 -7.19 -6.46 14.87
CA SER C 174 -6.65 -5.55 15.85
C SER C 174 -5.30 -6.03 16.37
N LEU C 175 -4.58 -5.11 17.04
CA LEU C 175 -3.36 -5.51 17.75
C LEU C 175 -3.62 -6.64 18.73
N GLN C 176 -4.69 -6.54 19.51
CA GLN C 176 -4.99 -7.55 20.52
C GLN C 176 -5.23 -8.92 19.91
N ALA C 177 -5.87 -8.97 18.75
CA ALA C 177 -6.12 -10.24 18.11
C ALA C 177 -4.86 -10.89 17.57
N LEU C 178 -3.79 -10.13 17.34
CA LEU C 178 -2.59 -10.72 16.81
C LEU C 178 -1.53 -11.02 17.87
N ALA C 179 -1.74 -10.61 19.14
CA ALA C 179 -0.66 -10.56 20.11
C ALA C 179 -0.45 -11.82 20.95
N GLY C 180 -1.43 -12.71 21.04
CA GLY C 180 -1.26 -13.82 21.98
C GLY C 180 -0.25 -14.85 21.54
N PRO C 181 0.36 -15.58 22.51
CA PRO C 181 1.40 -16.57 22.16
C PRO C 181 0.89 -17.73 21.35
N GLU C 182 -0.42 -17.98 21.32
CA GLU C 182 -1.01 -18.99 20.45
C GLU C 182 -1.09 -18.52 18.98
N VAL C 183 -0.89 -17.23 18.72
CA VAL C 183 -1.14 -16.69 17.38
C VAL C 183 -0.05 -17.13 16.40
N GLU C 184 1.22 -17.05 16.80
CA GLU C 184 2.31 -17.49 15.96
C GLU C 184 2.04 -18.87 15.43
N ALA C 185 1.62 -19.82 16.30
CA ALA C 185 1.46 -21.17 15.81
C ALA C 185 0.35 -21.24 14.78
N HIS C 186 -0.75 -20.51 15.00
CA HIS C 186 -1.81 -20.47 14.02
C HIS C 186 -1.30 -19.83 12.72
N LEU C 187 -0.58 -18.71 12.82
CA LEU C 187 -0.10 -18.11 11.60
C LEU C 187 0.90 -19.01 10.88
N ARG C 188 1.61 -19.86 11.61
CA ARG C 188 2.47 -20.83 10.93
C ARG C 188 1.63 -21.83 10.18
N LYS C 189 0.51 -22.28 10.79
CA LYS C 189 -0.39 -23.21 10.09
C LYS C 189 -0.92 -22.57 8.82
N LEU C 190 -1.10 -21.25 8.85
CA LEU C 190 -1.59 -20.48 7.71
C LEU C 190 -0.48 -20.15 6.71
N GLY C 191 0.73 -20.67 6.91
CA GLY C 191 1.77 -20.58 5.89
C GLY C 191 2.54 -19.27 5.90
N LEU C 192 2.55 -18.54 7.00
CA LEU C 192 3.30 -17.29 7.01
C LEU C 192 4.79 -17.52 7.18
N GLY C 193 5.24 -18.76 7.43
CA GLY C 193 6.65 -18.98 7.57
C GLY C 193 7.20 -18.28 8.83
N TYR C 194 8.49 -17.94 8.77
CA TYR C 194 9.14 -17.34 9.90
C TYR C 194 8.55 -15.97 10.22
N ARG C 195 7.76 -15.39 9.33
CA ARG C 195 7.15 -14.09 9.64
C ARG C 195 6.00 -14.22 10.62
N ALA C 196 5.49 -15.44 10.85
CA ALA C 196 4.46 -15.62 11.87
C ALA C 196 4.88 -15.07 13.23
N ARG C 197 6.12 -15.34 13.64
CA ARG C 197 6.64 -14.78 14.89
C ARG C 197 6.76 -13.27 14.80
N TYR C 198 7.23 -12.74 13.66
CA TYR C 198 7.36 -11.30 13.56
C TYR C 198 6.02 -10.60 13.71
N VAL C 199 4.93 -11.16 13.15
CA VAL C 199 3.61 -10.52 13.28
C VAL C 199 3.21 -10.47 14.75
N SER C 200 3.21 -11.62 15.42
CA SER C 200 2.70 -11.64 16.77
C SER C 200 3.60 -10.87 17.73
N ALA C 201 4.91 -11.01 17.58
CA ALA C 201 5.84 -10.29 18.44
C ALA C 201 5.73 -8.79 18.22
N SER C 202 5.48 -8.34 16.97
CA SER C 202 5.35 -6.90 16.76
C SER C 202 4.05 -6.39 17.38
N ALA C 203 2.93 -7.15 17.30
CA ALA C 203 1.72 -6.71 17.97
C ALA C 203 1.93 -6.65 19.49
N ARG C 204 2.64 -7.66 20.04
CA ARG C 204 2.90 -7.62 21.48
C ARG C 204 3.79 -6.43 21.81
N ALA C 205 4.78 -6.12 20.97
CA ALA C 205 5.67 -4.99 21.31
C ALA C 205 4.89 -3.69 21.33
N ILE C 206 4.00 -3.49 20.35
CA ILE C 206 3.27 -2.23 20.35
C ILE C 206 2.41 -2.13 21.60
N LEU C 207 1.67 -3.18 21.92
CA LEU C 207 0.79 -3.14 23.10
C LEU C 207 1.57 -3.06 24.41
N GLU C 208 2.66 -3.82 24.54
CA GLU C 208 3.31 -3.95 25.84
C GLU C 208 4.41 -2.94 26.05
N GLU C 209 5.05 -2.46 24.97
CA GLU C 209 6.28 -1.64 25.10
C GLU C 209 6.16 -0.27 24.50
N GLN C 210 5.14 0.01 23.62
CA GLN C 210 5.15 1.29 22.90
C GLN C 210 3.94 2.16 23.24
N GLY C 211 3.08 1.71 24.15
CA GLY C 211 1.90 2.52 24.53
C GLY C 211 0.67 2.25 23.71
N GLY C 212 0.63 1.14 22.95
CA GLY C 212 -0.58 0.79 22.23
C GLY C 212 -0.78 1.58 20.94
N LEU C 213 -2.04 1.58 20.50
CA LEU C 213 -2.36 2.06 19.16
C LEU C 213 -1.94 3.51 18.94
N ALA C 214 -1.96 4.37 19.97
CA ALA C 214 -1.63 5.76 19.81
C ALA C 214 -0.18 5.96 19.31
N TRP C 215 0.71 4.98 19.52
CA TRP C 215 2.07 5.10 19.00
C TRP C 215 2.08 5.33 17.48
N LEU C 216 1.17 4.71 16.73
N LEU C 216 1.16 4.71 16.74
CA LEU C 216 1.21 4.91 15.29
CA LEU C 216 1.17 4.87 15.29
C LEU C 216 0.85 6.33 14.94
C LEU C 216 0.81 6.29 14.90
N GLN C 217 -0.14 6.91 15.62
CA GLN C 217 -0.44 8.32 15.43
C GLN C 217 0.74 9.20 15.79
N GLN C 218 1.44 8.86 16.87
CA GLN C 218 2.63 9.60 17.21
C GLN C 218 3.61 9.58 16.05
N LEU C 219 3.79 8.41 15.41
CA LEU C 219 4.73 8.34 14.29
C LEU C 219 4.24 9.12 13.07
N ARG C 220 2.92 9.12 12.82
CA ARG C 220 2.38 9.98 11.75
C ARG C 220 2.75 11.44 11.97
N GLU C 221 2.78 11.89 13.23
CA GLU C 221 3.06 13.27 13.54
C GLU C 221 4.55 13.54 13.66
N SER C 222 5.40 12.51 13.67
CA SER C 222 6.83 12.72 13.82
C SER C 222 7.50 12.94 12.44
N SER C 223 8.76 13.31 12.45
CA SER C 223 9.47 13.42 11.20
C SER C 223 9.69 12.04 10.60
N TYR C 224 9.99 12.06 9.31
CA TYR C 224 10.37 10.83 8.62
C TYR C 224 11.48 10.09 9.37
N GLU C 225 12.56 10.81 9.72
CA GLU C 225 13.68 10.12 10.32
C GLU C 225 13.31 9.50 11.65
N GLU C 226 12.53 10.23 12.47
CA GLU C 226 12.10 9.71 13.77
C GLU C 226 11.17 8.52 13.60
N ALA C 227 10.22 8.60 12.66
CA ALA C 227 9.28 7.49 12.48
C ALA C 227 10.01 6.26 11.98
N HIS C 228 10.91 6.44 11.01
CA HIS C 228 11.59 5.28 10.45
C HIS C 228 12.42 4.58 11.52
N LYS C 229 13.20 5.36 12.32
CA LYS C 229 13.96 4.77 13.43
C LYS C 229 13.09 4.01 14.39
N ALA C 230 11.95 4.59 14.76
CA ALA C 230 11.10 3.94 15.75
C ALA C 230 10.54 2.63 15.24
N LEU C 231 10.12 2.57 13.97
CA LEU C 231 9.55 1.33 13.46
C LEU C 231 10.54 0.19 13.45
N CYS C 232 11.82 0.52 13.24
CA CYS C 232 12.83 -0.54 13.14
C CYS C 232 13.01 -1.32 14.46
N ILE C 233 12.46 -0.86 15.61
CA ILE C 233 12.52 -1.66 16.82
C ILE C 233 11.69 -2.94 16.69
N LEU C 234 10.75 -2.97 15.77
CA LEU C 234 9.78 -4.08 15.72
C LEU C 234 10.37 -5.30 15.02
N PRO C 235 10.09 -6.50 15.52
CA PRO C 235 10.58 -7.72 14.88
C PRO C 235 9.98 -7.88 13.49
N GLY C 236 10.87 -8.09 12.52
CA GLY C 236 10.50 -8.22 11.12
C GLY C 236 10.48 -6.91 10.35
N VAL C 237 10.69 -5.78 11.02
CA VAL C 237 10.73 -4.48 10.38
C VAL C 237 12.20 -4.06 10.32
N GLY C 238 12.75 -4.03 9.12
CA GLY C 238 14.03 -3.41 8.88
C GLY C 238 13.86 -2.14 8.08
N THR C 239 14.97 -1.69 7.49
N THR C 239 14.96 -1.67 7.49
CA THR C 239 15.03 -0.41 6.78
CA THR C 239 14.86 -0.34 6.89
C THR C 239 13.95 -0.33 5.71
C THR C 239 13.90 -0.31 5.71
N HIS C 240 13.79 -1.40 4.93
CA HIS C 240 12.86 -1.40 3.79
C HIS C 240 11.40 -1.42 4.25
N VAL C 241 11.05 -2.33 5.18
CA VAL C 241 9.67 -2.38 5.63
C VAL C 241 9.32 -1.08 6.32
N ALA C 242 10.25 -0.52 7.10
CA ALA C 242 9.95 0.75 7.74
C ALA C 242 9.69 1.85 6.71
N ASP C 243 10.49 1.88 5.61
CA ASP C 243 10.24 2.86 4.55
C ASP C 243 8.89 2.65 3.86
N CYS C 244 8.50 1.39 3.66
CA CYS C 244 7.18 1.15 3.10
C CYS C 244 6.08 1.71 4.00
N ILE C 245 6.17 1.50 5.32
CA ILE C 245 5.13 2.01 6.21
C ILE C 245 5.19 3.53 6.30
N CYS C 246 6.40 4.09 6.33
CA CYS C 246 6.51 5.56 6.35
C CYS C 246 5.83 6.17 5.12
N LEU C 247 6.12 5.65 3.92
CA LEU C 247 5.60 6.22 2.71
C LEU C 247 4.09 6.01 2.61
N MET C 248 3.62 4.83 2.96
CA MET C 248 2.26 4.41 2.57
CA MET C 248 2.28 4.35 2.59
C MET C 248 1.23 4.57 3.68
N ALA C 249 1.66 4.77 4.92
CA ALA C 249 0.71 4.98 6.01
C ALA C 249 1.07 6.12 6.93
N LEU C 250 2.32 6.57 6.97
CA LEU C 250 2.71 7.62 7.93
C LEU C 250 2.97 8.97 7.28
N ASP C 251 2.51 9.19 6.02
CA ASP C 251 2.59 10.52 5.43
C ASP C 251 4.01 11.04 5.26
N LYS C 252 4.92 10.16 4.85
CA LYS C 252 6.31 10.57 4.61
C LYS C 252 6.59 10.39 3.11
N PRO C 253 6.28 11.39 2.28
CA PRO C 253 6.36 11.21 0.81
C PRO C 253 7.79 11.02 0.30
N GLN C 254 8.80 11.35 1.09
CA GLN C 254 10.17 11.21 0.64
C GLN C 254 10.75 9.85 0.99
N ALA C 255 10.03 9.02 1.76
CA ALA C 255 10.52 7.68 2.07
C ALA C 255 10.59 6.83 0.81
N VAL C 256 11.73 6.16 0.56
CA VAL C 256 11.96 5.38 -0.65
C VAL C 256 12.27 3.94 -0.23
N PRO C 257 11.31 3.04 -0.33
CA PRO C 257 11.59 1.62 -0.10
C PRO C 257 12.59 1.11 -1.12
N VAL C 258 13.53 0.29 -0.66
CA VAL C 258 14.54 -0.31 -1.52
C VAL C 258 14.49 -1.82 -1.35
N ASP C 259 13.77 -2.51 -2.25
CA ASP C 259 13.63 -3.95 -2.32
C ASP C 259 14.49 -4.47 -3.48
N VAL C 260 14.25 -5.74 -3.81
CA VAL C 260 14.90 -6.34 -4.98
C VAL C 260 14.64 -5.54 -6.25
N HIS C 261 13.40 -5.11 -6.49
CA HIS C 261 13.12 -4.36 -7.71
C HIS C 261 13.85 -3.03 -7.73
N MET C 262 13.81 -2.24 -6.64
CA MET C 262 14.41 -0.93 -6.72
C MET C 262 15.94 -1.06 -6.82
N TRP C 263 16.53 -2.09 -6.19
CA TRP C 263 17.97 -2.30 -6.32
C TRP C 263 18.32 -2.60 -7.76
N HIS C 264 17.54 -3.49 -8.40
N HIS C 264 17.52 -3.45 -8.42
CA HIS C 264 17.77 -3.83 -9.80
CA HIS C 264 17.81 -3.80 -9.81
C HIS C 264 17.56 -2.61 -10.69
C HIS C 264 17.50 -2.67 -10.76
N ILE C 265 16.47 -1.88 -10.47
CA ILE C 265 16.21 -0.69 -11.26
C ILE C 265 17.37 0.26 -11.18
N ALA C 266 17.94 0.48 -9.99
CA ALA C 266 19.08 1.40 -9.89
C ALA C 266 20.26 0.92 -10.73
N GLN C 267 20.54 -0.37 -10.66
CA GLN C 267 21.69 -0.90 -11.40
C GLN C 267 21.42 -0.87 -12.89
N ARG C 268 20.28 -1.43 -13.33
CA ARG C 268 19.98 -1.59 -14.75
C ARG C 268 19.59 -0.27 -15.42
N ASP C 269 18.72 0.50 -14.78
CA ASP C 269 18.13 1.64 -15.45
C ASP C 269 18.86 2.94 -15.16
N TYR C 270 19.69 2.98 -14.10
CA TYR C 270 20.43 4.19 -13.74
C TYR C 270 21.94 3.94 -13.74
N SER C 271 22.39 2.72 -14.00
CA SER C 271 23.82 2.43 -13.93
C SER C 271 24.42 2.91 -12.62
N TRP C 272 23.66 2.80 -11.52
CA TRP C 272 24.11 3.36 -10.27
C TRP C 272 24.99 2.38 -9.53
N HIS C 273 25.98 2.90 -8.81
CA HIS C 273 26.72 2.10 -7.81
C HIS C 273 26.96 2.99 -6.59
N PRO C 274 27.05 2.40 -5.41
CA PRO C 274 27.30 3.20 -4.20
C PRO C 274 28.69 3.77 -4.22
N THR C 275 28.78 4.97 -3.67
CA THR C 275 30.06 5.64 -3.52
C THR C 275 30.44 5.85 -2.08
N THR C 276 29.68 5.31 -1.12
CA THR C 276 30.03 5.39 0.29
C THR C 276 30.50 4.06 0.83
N SER C 277 30.68 3.06 -0.04
CA SER C 277 31.10 1.71 0.32
C SER C 277 31.92 1.19 -0.85
N GLN C 278 33.09 0.56 -0.53
CA GLN C 278 33.87 -0.08 -1.58
C GLN C 278 33.15 -1.31 -2.15
N ALA C 279 32.60 -2.15 -1.27
CA ALA C 279 31.74 -3.24 -1.72
C ALA C 279 30.42 -2.68 -2.21
N LYS C 280 30.00 -3.17 -3.36
CA LYS C 280 28.87 -2.57 -4.07
C LYS C 280 27.55 -3.31 -3.92
N GLY C 281 27.52 -4.50 -3.30
CA GLY C 281 26.27 -5.26 -3.31
C GLY C 281 25.36 -4.70 -2.26
N PRO C 282 24.13 -5.23 -2.20
CA PRO C 282 23.21 -4.78 -1.17
C PRO C 282 23.77 -4.99 0.23
N SER C 283 23.60 -4.00 1.06
CA SER C 283 24.03 -3.98 2.45
C SER C 283 23.30 -2.84 3.16
N PRO C 284 23.29 -2.78 4.48
CA PRO C 284 22.65 -1.64 5.11
C PRO C 284 23.16 -0.32 4.59
N GLN C 285 24.48 -0.18 4.43
CA GLN C 285 24.98 1.12 3.99
C GLN C 285 24.58 1.41 2.54
N THR C 286 24.69 0.41 1.65
CA THR C 286 24.38 0.71 0.25
C THR C 286 22.89 0.91 0.03
N ASN C 287 22.05 0.17 0.74
CA ASN C 287 20.59 0.37 0.62
C ASN C 287 20.23 1.75 1.14
N LYS C 288 20.87 2.22 2.21
CA LYS C 288 20.63 3.58 2.71
C LYS C 288 21.06 4.59 1.67
N GLU C 289 22.27 4.41 1.10
CA GLU C 289 22.74 5.37 0.11
C GLU C 289 21.78 5.43 -1.08
N LEU C 290 21.25 4.29 -1.51
CA LEU C 290 20.35 4.29 -2.67
C LEU C 290 19.06 5.09 -2.40
N GLY C 291 18.48 4.93 -1.20
CA GLY C 291 17.35 5.80 -0.85
C GLY C 291 17.70 7.28 -0.93
N ASN C 292 18.91 7.64 -0.44
CA ASN C 292 19.30 9.04 -0.52
C ASN C 292 19.52 9.47 -1.96
N PHE C 293 20.05 8.58 -2.82
CA PHE C 293 20.22 8.91 -4.23
C PHE C 293 18.88 9.23 -4.88
N PHE C 294 17.86 8.41 -4.62
CA PHE C 294 16.56 8.69 -5.25
C PHE C 294 15.92 9.95 -4.68
N ARG C 295 16.06 10.23 -3.38
CA ARG C 295 15.61 11.51 -2.87
C ARG C 295 16.31 12.67 -3.55
N SER C 296 17.62 12.57 -3.73
CA SER C 296 18.37 13.67 -4.36
CA SER C 296 18.33 13.68 -4.35
C SER C 296 17.91 13.88 -5.80
N LEU C 297 17.58 12.78 -6.49
CA LEU C 297 17.17 12.87 -7.88
C LEU C 297 15.73 13.41 -8.00
N TRP C 298 14.79 12.80 -7.28
CA TRP C 298 13.37 13.07 -7.54
C TRP C 298 12.79 14.15 -6.63
N GLY C 299 13.40 14.42 -5.47
CA GLY C 299 12.88 15.47 -4.60
C GLY C 299 12.03 14.95 -3.47
N PRO C 300 11.24 15.86 -2.88
CA PRO C 300 10.56 15.55 -1.63
C PRO C 300 9.44 14.55 -1.73
N TYR C 301 8.98 14.24 -2.94
CA TYR C 301 7.98 13.19 -3.15
C TYR C 301 8.61 11.98 -3.85
N ALA C 302 9.89 11.75 -3.56
CA ALA C 302 10.62 10.65 -4.20
C ALA C 302 9.97 9.29 -3.98
N GLY C 303 9.29 9.08 -2.82
CA GLY C 303 8.64 7.81 -2.64
C GLY C 303 7.50 7.58 -3.61
N TRP C 304 6.84 8.67 -3.99
CA TRP C 304 5.78 8.56 -4.98
C TRP C 304 6.37 8.23 -6.35
N ALA C 305 7.53 8.79 -6.71
CA ALA C 305 8.14 8.40 -7.97
C ALA C 305 8.54 6.93 -7.93
N GLN C 306 9.10 6.49 -6.80
CA GLN C 306 9.40 5.06 -6.63
C GLN C 306 8.20 4.18 -6.93
N ALA C 307 7.00 4.62 -6.51
CA ALA C 307 5.83 3.76 -6.69
C ALA C 307 5.49 3.60 -8.16
N VAL C 308 5.75 4.62 -8.97
CA VAL C 308 5.53 4.50 -10.41
C VAL C 308 6.47 3.46 -10.99
N LEU C 309 7.79 3.58 -10.68
CA LEU C 309 8.76 2.64 -11.25
C LEU C 309 8.53 1.23 -10.75
N PHE C 310 8.16 1.09 -9.47
CA PHE C 310 7.90 -0.24 -8.94
C PHE C 310 6.71 -0.87 -9.64
N SER C 311 5.59 -0.15 -9.77
CA SER C 311 4.43 -0.71 -10.48
C SER C 311 4.83 -1.14 -11.89
N ALA C 312 5.59 -0.29 -12.59
CA ALA C 312 5.97 -0.62 -13.97
C ALA C 312 6.89 -1.82 -14.01
N ASP C 313 7.78 -1.97 -13.02
CA ASP C 313 8.72 -3.07 -13.02
C ASP C 313 8.03 -4.38 -12.76
N LEU C 314 6.88 -4.37 -12.11
CA LEU C 314 6.14 -5.62 -11.94
C LEU C 314 5.64 -6.16 -13.27
N ARG C 315 5.41 -5.29 -14.25
CA ARG C 315 4.87 -5.65 -15.58
CA ARG C 315 4.87 -5.74 -15.53
C ARG C 315 5.94 -5.98 -16.60
N GLN C 316 7.22 -5.88 -16.24
CA GLN C 316 8.28 -6.23 -17.18
C GLN C 316 9.03 -7.45 -16.63
#